data_3BM1
#
_entry.id   3BM1
#
_cell.length_a   45.795
_cell.length_b   77.645
_cell.length_c   91.057
_cell.angle_alpha   90.00
_cell.angle_beta   90.00
_cell.angle_gamma   90.00
#
_symmetry.space_group_name_H-M   'P 21 21 21'
#
loop_
_entity.id
_entity.type
_entity.pdbx_description
1 polymer 'Protein ydjA'
2 non-polymer 'FLAVIN MONONUCLEOTIDE'
3 water water
#
_entity_poly.entity_id   1
_entity_poly.type   'polypeptide(L)'
_entity_poly.pdbx_seq_one_letter_code
;MDALELLINRRSASRLAEPAPTGEQLQNILRAGMRAPDHKSMQPWHFFVIEGEGRERFSAVLEQGAIAAGSDDKAIDKAR
NAPFRAPLIITVVAKCEENHKVPRWEQEMSAGCAVMAMQMAAVAQGFGGIWRSGALTESPVVREAFGCREQDKIVGFLYL
GTPQLKASTSINVPDPTPFVTYF
;
_entity_poly.pdbx_strand_id   A,B
#
loop_
_chem_comp.id
_chem_comp.type
_chem_comp.name
_chem_comp.formula
FMN non-polymer 'FLAVIN MONONUCLEOTIDE' 'C17 H21 N4 O9 P'
#
# COMPACT_ATOMS: atom_id res chain seq x y z
N MET A 1 -13.56 -13.05 -11.89
CA MET A 1 -12.54 -13.65 -10.98
C MET A 1 -12.93 -13.42 -9.53
N ASP A 2 -12.65 -14.39 -8.66
CA ASP A 2 -12.97 -14.27 -7.25
C ASP A 2 -11.97 -13.32 -6.57
N ALA A 3 -12.50 -12.41 -5.76
CA ALA A 3 -11.67 -11.44 -5.04
C ALA A 3 -10.64 -12.09 -4.11
N LEU A 4 -11.11 -12.97 -3.23
CA LEU A 4 -10.22 -13.64 -2.30
C LEU A 4 -9.09 -14.34 -3.05
N GLU A 5 -9.44 -15.02 -4.15
CA GLU A 5 -8.47 -15.73 -4.98
C GLU A 5 -7.40 -14.77 -5.50
N LEU A 6 -7.84 -13.62 -5.99
CA LEU A 6 -6.95 -12.61 -6.53
C LEU A 6 -5.88 -12.23 -5.52
N LEU A 7 -6.31 -11.95 -4.30
CA LEU A 7 -5.43 -11.53 -3.23
C LEU A 7 -4.42 -12.58 -2.76
N ILE A 8 -4.90 -13.79 -2.49
CA ILE A 8 -4.05 -14.87 -2.01
C ILE A 8 -3.05 -15.36 -3.05
N ASN A 9 -3.37 -15.17 -4.33
CA ASN A 9 -2.51 -15.64 -5.41
C ASN A 9 -1.85 -14.51 -6.19
N ARG A 10 -2.03 -13.28 -5.72
CA ARG A 10 -1.46 -12.10 -6.39
C ARG A 10 -0.01 -12.30 -6.76
N ARG A 11 0.32 -11.94 -7.99
CA ARG A 11 1.66 -12.07 -8.51
C ARG A 11 1.96 -10.92 -9.48
N SER A 12 3.23 -10.54 -9.55
CA SER A 12 3.63 -9.48 -10.45
C SER A 12 4.26 -10.13 -11.68
N ALA A 13 3.97 -9.56 -12.84
CA ALA A 13 4.52 -10.09 -14.10
C ALA A 13 5.46 -9.03 -14.68
N SER A 14 6.68 -9.45 -15.03
CA SER A 14 7.66 -8.54 -15.58
C SER A 14 7.77 -8.66 -17.10
N ARG A 15 7.42 -9.83 -17.63
CA ARG A 15 7.45 -10.05 -19.07
C ARG A 15 6.08 -9.64 -19.58
N LEU A 16 5.99 -8.43 -20.11
CA LEU A 16 4.74 -7.89 -20.60
C LEU A 16 4.79 -7.55 -22.08
N ALA A 17 3.63 -7.60 -22.73
CA ALA A 17 3.55 -7.29 -24.14
C ALA A 17 2.17 -6.77 -24.50
N GLU A 18 2.01 -6.31 -25.74
CA GLU A 18 0.73 -5.83 -26.20
C GLU A 18 -0.21 -7.04 -26.18
N PRO A 19 -1.51 -6.80 -26.01
CA PRO A 19 -2.12 -5.48 -25.87
C PRO A 19 -2.00 -4.98 -24.44
N ALA A 20 -2.07 -3.66 -24.27
CA ALA A 20 -2.02 -3.06 -22.95
C ALA A 20 -3.46 -2.72 -22.63
N PRO A 21 -3.77 -2.52 -21.33
CA PRO A 21 -5.15 -2.18 -20.97
C PRO A 21 -5.52 -0.85 -21.63
N THR A 22 -6.72 -0.74 -22.18
CA THR A 22 -7.16 0.51 -22.82
C THR A 22 -8.66 0.74 -22.62
N GLY A 23 -9.13 1.90 -23.04
CA GLY A 23 -10.55 2.21 -22.91
C GLY A 23 -11.04 2.07 -21.48
N GLU A 24 -12.15 1.35 -21.32
CA GLU A 24 -12.73 1.15 -20.00
C GLU A 24 -11.87 0.26 -19.10
N GLN A 25 -11.13 -0.68 -19.69
CA GLN A 25 -10.29 -1.55 -18.87
C GLN A 25 -9.22 -0.70 -18.19
N LEU A 26 -8.70 0.31 -18.88
CA LEU A 26 -7.69 1.18 -18.32
C LEU A 26 -8.32 2.09 -17.26
N GLN A 27 -9.52 2.59 -17.54
CA GLN A 27 -10.21 3.45 -16.59
C GLN A 27 -10.56 2.68 -15.32
N ASN A 28 -10.84 1.39 -15.47
CA ASN A 28 -11.14 0.53 -14.32
C ASN A 28 -9.93 0.43 -13.41
N ILE A 29 -8.75 0.35 -14.01
CA ILE A 29 -7.51 0.27 -13.23
C ILE A 29 -7.32 1.60 -12.48
N LEU A 30 -7.49 2.71 -13.20
CA LEU A 30 -7.36 4.02 -12.59
C LEU A 30 -8.41 4.20 -11.48
N ARG A 31 -9.60 3.63 -11.67
CA ARG A 31 -10.65 3.75 -10.67
C ARG A 31 -10.29 2.96 -9.41
N ALA A 32 -9.62 1.83 -9.59
CA ALA A 32 -9.21 1.02 -8.44
C ALA A 32 -8.26 1.85 -7.57
N GLY A 33 -7.34 2.54 -8.24
CA GLY A 33 -6.38 3.35 -7.51
C GLY A 33 -7.02 4.38 -6.60
N MET A 34 -8.13 4.95 -7.07
CA MET A 34 -8.84 5.97 -6.30
C MET A 34 -9.49 5.42 -5.03
N ARG A 35 -9.56 4.09 -4.92
CA ARG A 35 -10.17 3.48 -3.76
C ARG A 35 -9.18 3.08 -2.66
N ALA A 36 -7.90 3.39 -2.86
CA ALA A 36 -6.87 3.05 -1.87
C ALA A 36 -7.20 3.69 -0.51
N PRO A 37 -6.75 3.08 0.59
CA PRO A 37 -7.03 3.65 1.92
C PRO A 37 -6.56 5.11 1.87
N ASP A 38 -7.26 6.00 2.57
CA ASP A 38 -6.92 7.42 2.51
C ASP A 38 -7.36 8.19 3.75
N HIS A 39 -6.42 8.40 4.67
CA HIS A 39 -6.68 9.09 5.93
C HIS A 39 -7.24 10.50 5.72
N LYS A 40 -8.45 10.71 6.22
CA LYS A 40 -9.13 12.01 6.12
C LYS A 40 -9.60 12.34 4.70
N SER A 41 -9.51 11.36 3.79
CA SER A 41 -9.93 11.55 2.41
C SER A 41 -9.26 12.73 1.73
N MET A 42 -7.93 12.70 1.69
CA MET A 42 -7.15 13.76 1.08
C MET A 42 -6.85 13.47 -0.39
N GLN A 43 -7.06 12.23 -0.81
CA GLN A 43 -6.78 11.82 -2.19
C GLN A 43 -5.40 12.37 -2.58
N PRO A 44 -4.37 12.07 -1.77
CA PRO A 44 -2.99 12.51 -1.99
C PRO A 44 -2.23 11.81 -3.09
N TRP A 45 -2.71 11.93 -4.33
CA TRP A 45 -2.02 11.27 -5.43
C TRP A 45 -2.46 11.73 -6.82
N HIS A 46 -1.59 11.51 -7.81
CA HIS A 46 -1.87 11.86 -9.19
C HIS A 46 -1.28 10.79 -10.07
N PHE A 47 -2.00 10.42 -11.14
CA PHE A 47 -1.56 9.39 -12.05
C PHE A 47 -1.16 9.89 -13.43
N PHE A 48 -0.08 9.32 -13.96
CA PHE A 48 0.43 9.67 -15.27
C PHE A 48 0.42 8.43 -16.18
N VAL A 49 -0.40 8.49 -17.22
CA VAL A 49 -0.50 7.38 -18.17
C VAL A 49 0.54 7.56 -19.28
N ILE A 50 1.41 6.57 -19.42
CA ILE A 50 2.48 6.60 -20.42
C ILE A 50 2.35 5.42 -21.37
N GLU A 51 1.85 5.69 -22.57
CA GLU A 51 1.66 4.67 -23.60
C GLU A 51 2.24 5.13 -24.94
N GLY A 52 2.54 4.16 -25.80
CA GLY A 52 3.09 4.47 -27.11
C GLY A 52 4.17 5.55 -27.12
N GLU A 53 3.98 6.57 -27.95
CA GLU A 53 4.93 7.68 -28.07
C GLU A 53 5.40 8.18 -26.72
N GLY A 54 4.49 8.23 -25.74
CA GLY A 54 4.85 8.70 -24.43
C GLY A 54 6.09 8.00 -23.92
N ARG A 55 6.18 6.70 -24.21
CA ARG A 55 7.33 5.92 -23.78
C ARG A 55 8.65 6.49 -24.27
N GLU A 56 8.64 7.06 -25.47
CA GLU A 56 9.85 7.68 -26.03
C GLU A 56 10.28 8.85 -25.16
N ARG A 57 9.34 9.74 -24.90
CA ARG A 57 9.62 10.91 -24.06
C ARG A 57 10.07 10.47 -22.67
N PHE A 58 9.35 9.49 -22.12
CA PHE A 58 9.68 8.96 -20.80
C PHE A 58 11.10 8.41 -20.85
N SER A 59 11.45 7.79 -21.97
CA SER A 59 12.79 7.24 -22.15
C SER A 59 13.84 8.35 -22.03
N ALA A 60 13.64 9.41 -22.81
CA ALA A 60 14.56 10.55 -22.83
C ALA A 60 14.74 11.18 -21.46
N VAL A 61 13.64 11.30 -20.71
CA VAL A 61 13.68 11.91 -19.38
C VAL A 61 14.51 11.06 -18.43
N LEU A 62 14.28 9.75 -18.45
CA LEU A 62 15.02 8.83 -17.58
C LEU A 62 16.51 8.84 -17.91
N GLU A 63 16.84 8.85 -19.20
CA GLU A 63 18.24 8.87 -19.62
C GLU A 63 18.88 10.15 -19.13
N GLN A 64 18.16 11.26 -19.28
CA GLN A 64 18.65 12.56 -18.85
C GLN A 64 18.89 12.53 -17.33
N GLY A 65 17.91 12.01 -16.59
CA GLY A 65 18.04 11.92 -15.15
C GLY A 65 19.26 11.11 -14.74
N ALA A 66 19.50 10.00 -15.44
CA ALA A 66 20.64 9.15 -15.15
C ALA A 66 21.94 9.93 -15.37
N ILE A 67 22.05 10.56 -16.53
CA ILE A 67 23.22 11.36 -16.87
C ILE A 67 23.50 12.36 -15.77
N ALA A 68 22.49 13.15 -15.42
CA ALA A 68 22.63 14.17 -14.41
C ALA A 68 23.01 13.58 -13.06
N ALA A 69 22.58 12.35 -12.79
CA ALA A 69 22.86 11.70 -11.52
C ALA A 69 24.31 11.21 -11.44
N GLY A 70 25.02 11.31 -12.56
CA GLY A 70 26.40 10.86 -12.58
C GLY A 70 26.55 9.36 -12.78
N SER A 71 25.51 8.73 -13.31
CA SER A 71 25.52 7.29 -13.55
C SER A 71 26.43 6.95 -14.72
N ASP A 72 26.97 5.73 -14.72
CA ASP A 72 27.85 5.30 -15.80
C ASP A 72 27.01 4.88 -17.00
N ASP A 73 27.64 4.77 -18.16
CA ASP A 73 26.94 4.40 -19.39
C ASP A 73 26.04 3.18 -19.26
N LYS A 74 26.50 2.17 -18.53
CA LYS A 74 25.70 0.95 -18.35
C LYS A 74 24.34 1.33 -17.75
N ALA A 75 24.38 2.16 -16.72
CA ALA A 75 23.19 2.61 -16.04
C ALA A 75 22.34 3.50 -16.93
N ILE A 76 22.99 4.44 -17.61
CA ILE A 76 22.28 5.36 -18.51
C ILE A 76 21.52 4.57 -19.58
N ASP A 77 22.17 3.53 -20.09
CA ASP A 77 21.59 2.66 -21.12
C ASP A 77 20.37 1.90 -20.60
N LYS A 78 20.49 1.37 -19.39
CA LYS A 78 19.39 0.63 -18.79
C LYS A 78 18.21 1.59 -18.56
N ALA A 79 18.52 2.82 -18.18
CA ALA A 79 17.49 3.82 -17.95
C ALA A 79 16.79 4.15 -19.25
N ARG A 80 17.57 4.47 -20.28
CA ARG A 80 17.01 4.81 -21.59
C ARG A 80 16.11 3.70 -22.13
N ASN A 81 16.47 2.44 -21.89
CA ASN A 81 15.69 1.31 -22.37
C ASN A 81 14.59 0.82 -21.42
N ALA A 82 14.56 1.35 -20.20
CA ALA A 82 13.56 0.93 -19.21
C ALA A 82 12.09 0.90 -19.64
N PRO A 83 11.58 2.02 -20.18
CA PRO A 83 10.19 2.15 -20.63
C PRO A 83 9.66 1.12 -21.63
N PHE A 84 10.55 0.59 -22.47
CA PHE A 84 10.13 -0.36 -23.50
C PHE A 84 9.90 -1.79 -23.01
N ARG A 85 9.90 -1.98 -21.71
CA ARG A 85 9.70 -3.30 -21.12
C ARG A 85 8.22 -3.65 -20.94
N ALA A 86 7.35 -2.70 -21.24
CA ALA A 86 5.91 -2.90 -21.14
C ALA A 86 5.21 -1.91 -22.07
N PRO A 87 4.03 -2.28 -22.59
CA PRO A 87 3.27 -1.40 -23.50
C PRO A 87 2.68 -0.19 -22.78
N LEU A 88 2.58 -0.27 -21.47
CA LEU A 88 2.02 0.81 -20.69
C LEU A 88 2.70 0.95 -19.34
N ILE A 89 2.88 2.20 -18.91
CA ILE A 89 3.48 2.51 -17.63
C ILE A 89 2.64 3.61 -16.98
N ILE A 90 2.21 3.38 -15.74
CA ILE A 90 1.45 4.38 -15.03
C ILE A 90 2.34 4.85 -13.89
N THR A 91 2.64 6.15 -13.87
CA THR A 91 3.47 6.70 -12.81
C THR A 91 2.56 7.23 -11.72
N VAL A 92 2.87 6.90 -10.47
CA VAL A 92 2.08 7.36 -9.36
C VAL A 92 2.88 8.30 -8.48
N VAL A 93 2.36 9.50 -8.30
CA VAL A 93 3.00 10.51 -7.48
C VAL A 93 2.12 10.82 -6.29
N ALA A 94 2.74 10.91 -5.11
CA ALA A 94 1.99 11.25 -3.91
C ALA A 94 1.99 12.77 -3.85
N LYS A 95 0.80 13.36 -3.90
CA LYS A 95 0.65 14.82 -3.83
C LYS A 95 0.27 15.13 -2.38
N CYS A 96 1.27 15.49 -1.59
CA CYS A 96 1.06 15.77 -0.18
C CYS A 96 0.69 17.21 0.17
N GLU A 97 0.13 17.37 1.37
CA GLU A 97 -0.28 18.69 1.85
C GLU A 97 -0.05 18.73 3.36
N GLU A 98 0.44 19.87 3.86
CA GLU A 98 0.73 20.05 5.28
C GLU A 98 -0.22 19.31 6.22
N ASN A 99 0.39 18.64 7.20
CA ASN A 99 -0.30 17.85 8.22
C ASN A 99 -1.76 18.19 8.42
N HIS A 100 -2.54 17.15 8.70
CA HIS A 100 -3.97 17.26 8.94
C HIS A 100 -4.33 16.03 9.75
N LYS A 101 -3.68 15.88 10.89
CA LYS A 101 -3.90 14.71 11.74
C LYS A 101 -3.42 13.54 10.88
N VAL A 102 -2.76 13.88 9.77
CA VAL A 102 -2.25 12.92 8.81
C VAL A 102 -0.81 13.24 8.42
N PRO A 103 0.17 12.60 9.07
CA PRO A 103 1.56 12.89 8.73
C PRO A 103 1.87 12.57 7.26
N ARG A 104 2.90 13.20 6.74
CA ARG A 104 3.30 13.01 5.35
C ARG A 104 3.43 11.55 4.91
N TRP A 105 4.04 10.71 5.75
CA TRP A 105 4.23 9.31 5.38
C TRP A 105 2.92 8.58 5.11
N GLU A 106 1.86 8.93 5.82
CA GLU A 106 0.57 8.28 5.61
C GLU A 106 -0.02 8.65 4.26
N GLN A 107 0.22 9.89 3.82
CA GLN A 107 -0.28 10.35 2.54
C GLN A 107 0.51 9.64 1.43
N GLU A 108 1.82 9.49 1.65
CA GLU A 108 2.66 8.80 0.69
C GLU A 108 2.19 7.33 0.66
N MET A 109 1.85 6.80 1.83
CA MET A 109 1.37 5.44 1.98
C MET A 109 0.15 5.18 1.08
N SER A 110 -0.84 6.08 1.17
CA SER A 110 -2.05 5.97 0.35
C SER A 110 -1.69 5.87 -1.12
N ALA A 111 -0.80 6.73 -1.58
CA ALA A 111 -0.36 6.74 -2.97
C ALA A 111 0.25 5.39 -3.32
N GLY A 112 0.99 4.82 -2.37
CA GLY A 112 1.60 3.53 -2.60
C GLY A 112 0.52 2.47 -2.78
N CYS A 113 -0.44 2.45 -1.86
CA CYS A 113 -1.53 1.49 -1.93
C CYS A 113 -2.26 1.61 -3.27
N ALA A 114 -2.29 2.80 -3.84
CA ALA A 114 -2.94 3.02 -5.12
C ALA A 114 -2.21 2.20 -6.20
N VAL A 115 -0.88 2.17 -6.13
CA VAL A 115 -0.11 1.41 -7.11
C VAL A 115 -0.46 -0.07 -7.04
N MET A 116 -0.57 -0.61 -5.83
CA MET A 116 -0.90 -2.03 -5.70
C MET A 116 -2.32 -2.31 -6.18
N ALA A 117 -3.24 -1.42 -5.80
CA ALA A 117 -4.63 -1.56 -6.20
C ALA A 117 -4.75 -1.61 -7.71
N MET A 118 -3.98 -0.77 -8.39
CA MET A 118 -4.05 -0.74 -9.85
C MET A 118 -3.42 -1.98 -10.46
N GLN A 119 -2.37 -2.47 -9.83
CA GLN A 119 -1.71 -3.66 -10.32
C GLN A 119 -2.71 -4.81 -10.25
N MET A 120 -3.47 -4.87 -9.15
CA MET A 120 -4.46 -5.92 -8.98
C MET A 120 -5.63 -5.73 -9.96
N ALA A 121 -5.98 -4.49 -10.25
CA ALA A 121 -7.07 -4.20 -11.18
C ALA A 121 -6.68 -4.65 -12.58
N ALA A 122 -5.39 -4.68 -12.86
CA ALA A 122 -4.91 -5.12 -14.17
C ALA A 122 -5.07 -6.63 -14.22
N VAL A 123 -4.68 -7.30 -13.13
CA VAL A 123 -4.81 -8.74 -13.05
C VAL A 123 -6.25 -9.19 -13.16
N ALA A 124 -7.15 -8.51 -12.45
CA ALA A 124 -8.57 -8.88 -12.47
C ALA A 124 -9.16 -8.76 -13.87
N GLN A 125 -8.45 -8.09 -14.78
CA GLN A 125 -8.97 -7.93 -16.12
C GLN A 125 -8.22 -8.68 -17.22
N GLY A 126 -7.44 -9.69 -16.81
CA GLY A 126 -6.70 -10.47 -17.79
C GLY A 126 -5.34 -9.92 -18.16
N PHE A 127 -4.92 -8.87 -17.47
CA PHE A 127 -3.62 -8.27 -17.74
C PHE A 127 -2.67 -8.57 -16.59
N GLY A 128 -1.58 -7.83 -16.51
CA GLY A 128 -0.62 -8.03 -15.43
C GLY A 128 0.32 -6.87 -15.37
N GLY A 129 1.17 -6.84 -14.35
CA GLY A 129 2.11 -5.74 -14.24
C GLY A 129 3.02 -5.86 -13.03
N ILE A 130 3.99 -4.96 -12.94
CA ILE A 130 4.92 -4.98 -11.82
C ILE A 130 5.28 -3.57 -11.39
N TRP A 131 5.30 -3.38 -10.08
CA TRP A 131 5.62 -2.10 -9.45
C TRP A 131 7.14 -1.91 -9.42
N ARG A 132 7.62 -0.87 -10.09
CA ARG A 132 9.05 -0.59 -10.12
C ARG A 132 9.34 0.81 -9.59
N SER A 133 10.55 1.00 -9.07
CA SER A 133 10.93 2.30 -8.55
C SER A 133 12.34 2.66 -9.03
N GLY A 134 13.36 2.40 -8.21
CA GLY A 134 14.72 2.73 -8.58
C GLY A 134 15.13 4.10 -8.09
N ALA A 135 16.42 4.40 -8.18
CA ALA A 135 16.97 5.67 -7.72
C ALA A 135 16.45 6.89 -8.48
N LEU A 136 16.02 6.68 -9.71
CA LEU A 136 15.52 7.79 -10.53
C LEU A 136 14.23 8.43 -10.03
N THR A 137 13.57 7.81 -9.04
CA THR A 137 12.35 8.39 -8.50
C THR A 137 12.72 9.68 -7.76
N GLU A 138 13.99 9.79 -7.37
CA GLU A 138 14.48 10.94 -6.63
C GLU A 138 15.20 11.96 -7.51
N SER A 139 15.20 11.71 -8.82
CA SER A 139 15.87 12.59 -9.77
C SER A 139 15.08 13.88 -10.06
N PRO A 140 15.74 15.04 -9.94
CA PRO A 140 15.10 16.34 -10.19
C PRO A 140 14.45 16.44 -11.57
N VAL A 141 15.14 15.95 -12.59
CA VAL A 141 14.60 16.01 -13.95
C VAL A 141 13.36 15.13 -14.09
N VAL A 142 13.42 13.95 -13.48
CA VAL A 142 12.30 13.01 -13.53
C VAL A 142 11.12 13.58 -12.77
N ARG A 143 11.39 14.10 -11.57
CA ARG A 143 10.34 14.69 -10.73
C ARG A 143 9.65 15.85 -11.44
N GLU A 144 10.42 16.69 -12.11
CA GLU A 144 9.86 17.83 -12.84
C GLU A 144 8.95 17.36 -13.97
N ALA A 145 9.34 16.28 -14.64
CA ALA A 145 8.57 15.73 -15.75
C ALA A 145 7.20 15.28 -15.27
N PHE A 146 7.08 15.02 -13.97
CA PHE A 146 5.82 14.57 -13.38
C PHE A 146 5.25 15.59 -12.40
N GLY A 147 5.61 16.86 -12.61
CA GLY A 147 5.11 17.94 -11.77
C GLY A 147 5.22 17.78 -10.26
N CYS A 148 6.34 17.25 -9.78
CA CYS A 148 6.53 17.06 -8.36
C CYS A 148 6.91 18.35 -7.64
N ARG A 149 6.12 18.71 -6.63
CA ARG A 149 6.39 19.88 -5.82
C ARG A 149 7.37 19.38 -4.75
N GLU A 150 7.84 20.25 -3.89
CA GLU A 150 8.78 19.85 -2.84
C GLU A 150 8.27 18.72 -1.93
N GLN A 151 6.99 18.76 -1.58
CA GLN A 151 6.44 17.74 -0.71
C GLN A 151 5.97 16.49 -1.46
N ASP A 152 5.95 16.55 -2.79
CA ASP A 152 5.50 15.40 -3.58
C ASP A 152 6.61 14.35 -3.72
N LYS A 153 6.20 13.10 -3.96
CA LYS A 153 7.11 11.98 -4.09
C LYS A 153 6.63 10.92 -5.08
N ILE A 154 7.51 10.52 -5.99
CA ILE A 154 7.18 9.47 -6.97
C ILE A 154 7.25 8.16 -6.19
N VAL A 155 6.13 7.48 -6.05
CA VAL A 155 6.13 6.23 -5.28
C VAL A 155 6.29 4.98 -6.14
N GLY A 156 6.13 5.12 -7.46
CA GLY A 156 6.29 3.95 -8.32
C GLY A 156 6.01 4.16 -9.80
N PHE A 157 6.58 3.27 -10.60
CA PHE A 157 6.38 3.27 -12.05
C PHE A 157 5.72 1.91 -12.29
N LEU A 158 4.42 1.92 -12.53
CA LEU A 158 3.69 0.67 -12.73
C LEU A 158 3.68 0.20 -14.18
N TYR A 159 4.45 -0.85 -14.43
CA TYR A 159 4.55 -1.44 -15.76
C TYR A 159 3.38 -2.40 -15.92
N LEU A 160 2.62 -2.24 -17.01
CA LEU A 160 1.45 -3.08 -17.27
C LEU A 160 1.40 -3.59 -18.70
N GLY A 161 0.74 -4.73 -18.88
CA GLY A 161 0.60 -5.33 -20.19
C GLY A 161 0.04 -6.73 -20.08
N THR A 162 -0.09 -7.43 -21.20
CA THR A 162 -0.59 -8.79 -21.17
C THR A 162 0.57 -9.71 -20.84
N PRO A 163 0.52 -10.38 -19.68
CA PRO A 163 1.61 -11.28 -19.27
C PRO A 163 1.77 -12.44 -20.23
N GLN A 164 3.01 -12.86 -20.45
CA GLN A 164 3.29 -13.95 -21.37
C GLN A 164 3.94 -15.17 -20.72
N LEU A 165 3.84 -15.26 -19.40
CA LEU A 165 4.43 -16.38 -18.67
C LEU A 165 3.62 -17.66 -18.89
N ASN A 172 1.23 -22.93 -4.09
CA ASN A 172 1.62 -23.81 -2.99
C ASN A 172 1.01 -23.32 -1.68
N VAL A 173 0.11 -22.33 -1.77
CA VAL A 173 -0.55 -21.74 -0.61
C VAL A 173 0.44 -21.01 0.29
N PRO A 174 0.31 -19.68 0.38
CA PRO A 174 1.21 -18.89 1.24
C PRO A 174 1.20 -19.34 2.69
N ASP A 175 2.36 -19.24 3.33
CA ASP A 175 2.50 -19.62 4.73
C ASP A 175 2.98 -18.43 5.57
N PRO A 176 2.06 -17.75 6.26
CA PRO A 176 2.37 -16.59 7.10
C PRO A 176 2.88 -16.87 8.52
N THR A 177 3.00 -18.14 8.88
CA THR A 177 3.45 -18.50 10.22
C THR A 177 4.78 -17.89 10.67
N PRO A 178 5.76 -17.76 9.76
CA PRO A 178 7.04 -17.18 10.17
C PRO A 178 6.96 -15.69 10.47
N PHE A 179 5.85 -15.05 10.07
CA PHE A 179 5.68 -13.61 10.25
C PHE A 179 4.58 -13.21 11.22
N VAL A 180 4.01 -14.19 11.93
CA VAL A 180 2.92 -13.93 12.85
C VAL A 180 3.25 -14.13 14.33
N THR A 181 2.71 -13.26 15.18
CA THR A 181 2.87 -13.34 16.62
C THR A 181 1.50 -13.06 17.22
N TYR A 182 1.11 -13.85 18.22
CA TYR A 182 -0.17 -13.65 18.88
C TYR A 182 0.08 -12.86 20.14
N PHE A 183 -0.35 -11.60 20.12
CA PHE A 183 -0.15 -10.68 21.23
C PHE A 183 -0.63 -11.27 22.55
N MET B 1 -16.90 -12.61 -3.69
CA MET B 1 -17.34 -11.45 -4.53
C MET B 1 -16.43 -11.26 -5.74
N ASP B 2 -16.90 -10.47 -6.70
CA ASP B 2 -16.13 -10.21 -7.90
C ASP B 2 -14.90 -9.36 -7.59
N ALA B 3 -13.74 -9.80 -8.07
CA ALA B 3 -12.49 -9.08 -7.84
C ALA B 3 -12.59 -7.59 -8.24
N LEU B 4 -12.78 -7.34 -9.54
CA LEU B 4 -12.89 -5.98 -10.03
C LEU B 4 -13.82 -5.15 -9.15
N GLU B 5 -14.97 -5.73 -8.85
CA GLU B 5 -15.96 -5.05 -8.02
C GLU B 5 -15.40 -4.65 -6.66
N LEU B 6 -14.65 -5.55 -6.03
CA LEU B 6 -14.08 -5.26 -4.72
C LEU B 6 -13.07 -4.11 -4.82
N LEU B 7 -12.25 -4.13 -5.87
CA LEU B 7 -11.24 -3.10 -6.06
C LEU B 7 -11.83 -1.74 -6.39
N ILE B 8 -12.91 -1.73 -7.16
CA ILE B 8 -13.56 -0.50 -7.56
C ILE B 8 -14.56 0.03 -6.55
N ASN B 9 -14.91 -0.81 -5.57
CA ASN B 9 -15.85 -0.41 -4.54
C ASN B 9 -15.32 -0.70 -3.14
N ARG B 10 -14.01 -0.86 -3.02
CA ARG B 10 -13.43 -1.15 -1.70
C ARG B 10 -13.80 -0.06 -0.71
N ARG B 11 -14.33 -0.45 0.44
CA ARG B 11 -14.71 0.50 1.46
C ARG B 11 -14.24 0.00 2.81
N SER B 12 -13.97 0.94 3.70
CA SER B 12 -13.52 0.62 5.05
C SER B 12 -14.74 0.76 5.95
N ALA B 13 -14.85 -0.11 6.94
CA ALA B 13 -15.98 -0.03 7.83
C ALA B 13 -15.56 0.13 9.28
N SER B 14 -15.93 1.25 9.89
CA SER B 14 -15.63 1.47 11.30
C SER B 14 -16.85 0.85 11.97
N ARG B 15 -16.89 0.83 13.29
CA ARG B 15 -18.05 0.23 13.95
C ARG B 15 -18.19 -1.22 13.48
N LEU B 16 -17.38 -2.10 14.09
CA LEU B 16 -17.36 -3.52 13.77
C LEU B 16 -17.77 -4.31 15.02
N ALA B 17 -18.20 -5.54 14.84
CA ALA B 17 -18.61 -6.36 15.98
C ALA B 17 -18.32 -7.85 15.81
N GLU B 18 -18.59 -8.60 16.88
CA GLU B 18 -18.40 -10.05 16.88
C GLU B 18 -19.32 -10.67 15.82
N PRO B 19 -18.88 -11.77 15.19
CA PRO B 19 -17.61 -12.45 15.43
C PRO B 19 -16.50 -11.97 14.50
N ALA B 20 -15.27 -12.19 14.92
CA ALA B 20 -14.12 -11.80 14.10
C ALA B 20 -13.76 -12.98 13.21
N PRO B 21 -12.99 -12.74 12.15
CA PRO B 21 -12.61 -13.85 11.26
C PRO B 21 -11.78 -14.84 12.08
N THR B 22 -12.08 -16.13 11.95
CA THR B 22 -11.32 -17.13 12.69
C THR B 22 -10.94 -18.30 11.79
N GLY B 23 -10.04 -19.13 12.27
CA GLY B 23 -9.61 -20.30 11.51
C GLY B 23 -9.12 -19.92 10.12
N GLU B 24 -9.56 -20.67 9.11
CA GLU B 24 -9.16 -20.42 7.74
C GLU B 24 -9.47 -19.00 7.30
N GLN B 25 -10.51 -18.42 7.87
CA GLN B 25 -10.89 -17.05 7.53
C GLN B 25 -9.77 -16.10 7.95
N LEU B 26 -9.27 -16.30 9.16
CA LEU B 26 -8.18 -15.46 9.66
C LEU B 26 -6.88 -15.78 8.92
N GLN B 27 -6.60 -17.05 8.70
CA GLN B 27 -5.38 -17.42 8.00
C GLN B 27 -5.41 -16.84 6.59
N ASN B 28 -6.57 -16.85 5.95
CA ASN B 28 -6.71 -16.30 4.60
C ASN B 28 -6.35 -14.82 4.60
N ILE B 29 -6.62 -14.14 5.71
CA ILE B 29 -6.31 -12.72 5.83
C ILE B 29 -4.79 -12.53 5.95
N LEU B 30 -4.15 -13.36 6.76
CA LEU B 30 -2.70 -13.27 6.94
C LEU B 30 -1.97 -13.69 5.67
N ARG B 31 -2.57 -14.63 4.93
CA ARG B 31 -1.98 -15.12 3.69
C ARG B 31 -1.98 -14.00 2.63
N ALA B 32 -3.07 -13.23 2.58
CA ALA B 32 -3.17 -12.12 1.64
C ALA B 32 -2.11 -11.06 2.00
N GLY B 33 -1.96 -10.82 3.29
CA GLY B 33 -0.99 -9.84 3.74
C GLY B 33 0.41 -10.10 3.23
N MET B 34 0.86 -11.36 3.28
CA MET B 34 2.19 -11.70 2.83
C MET B 34 2.36 -11.82 1.32
N ARG B 35 1.38 -11.33 0.56
CA ARG B 35 1.49 -11.35 -0.89
C ARG B 35 1.58 -9.92 -1.43
N ALA B 36 1.88 -8.98 -0.54
CA ALA B 36 2.02 -7.58 -0.92
C ALA B 36 3.31 -7.42 -1.73
N PRO B 37 3.37 -6.37 -2.58
CA PRO B 37 4.58 -6.17 -3.39
C PRO B 37 5.76 -6.06 -2.42
N ASP B 38 6.91 -6.57 -2.85
CA ASP B 38 8.09 -6.63 -1.99
C ASP B 38 9.39 -6.53 -2.80
N HIS B 39 10.01 -5.35 -2.79
CA HIS B 39 11.24 -5.16 -3.57
C HIS B 39 12.37 -6.00 -2.99
N LYS B 40 12.92 -6.89 -3.82
CA LYS B 40 14.00 -7.79 -3.45
C LYS B 40 13.56 -8.86 -2.45
N SER B 41 12.25 -9.11 -2.39
CA SER B 41 11.68 -10.11 -1.50
C SER B 41 12.26 -10.07 -0.09
N MET B 42 12.20 -8.91 0.55
CA MET B 42 12.72 -8.79 1.90
C MET B 42 11.70 -9.20 2.95
N GLN B 43 10.43 -9.26 2.56
CA GLN B 43 9.34 -9.61 3.48
C GLN B 43 9.55 -8.81 4.76
N PRO B 44 9.64 -7.47 4.64
CA PRO B 44 9.87 -6.54 5.75
C PRO B 44 8.64 -6.27 6.59
N TRP B 45 8.08 -7.31 7.19
CA TRP B 45 6.91 -7.12 8.02
C TRP B 45 6.74 -8.18 9.09
N HIS B 46 5.88 -7.85 10.06
CA HIS B 46 5.53 -8.77 11.12
C HIS B 46 4.12 -8.42 11.52
N PHE B 47 3.27 -9.45 11.63
CA PHE B 47 1.87 -9.26 11.96
C PHE B 47 1.54 -9.70 13.39
N PHE B 48 1.04 -8.75 14.18
CA PHE B 48 0.66 -9.02 15.57
C PHE B 48 -0.86 -9.16 15.64
N VAL B 49 -1.32 -10.39 15.94
CA VAL B 49 -2.75 -10.67 16.05
C VAL B 49 -3.21 -10.39 17.49
N ILE B 50 -4.17 -9.48 17.63
CA ILE B 50 -4.70 -9.12 18.93
C ILE B 50 -6.21 -9.36 19.02
N GLU B 51 -6.62 -10.14 20.02
CA GLU B 51 -8.03 -10.45 20.19
C GLU B 51 -8.29 -10.99 21.58
N GLY B 52 -9.53 -10.85 22.04
CA GLY B 52 -9.88 -11.34 23.36
C GLY B 52 -9.15 -10.56 24.44
N GLU B 53 -8.69 -11.27 25.47
CA GLU B 53 -7.97 -10.65 26.57
C GLU B 53 -6.72 -9.90 26.12
N GLY B 54 -6.21 -10.23 24.93
CA GLY B 54 -5.05 -9.55 24.42
C GLY B 54 -5.34 -8.07 24.26
N ARG B 55 -6.62 -7.74 24.05
CA ARG B 55 -7.03 -6.36 23.86
C ARG B 55 -6.90 -5.51 25.13
N GLU B 56 -6.82 -6.16 26.29
CA GLU B 56 -6.68 -5.44 27.55
C GLU B 56 -5.27 -4.89 27.66
N ARG B 57 -4.29 -5.72 27.35
CA ARG B 57 -2.90 -5.28 27.42
C ARG B 57 -2.67 -4.19 26.37
N PHE B 58 -3.27 -4.36 25.19
CA PHE B 58 -3.13 -3.36 24.12
C PHE B 58 -3.69 -2.05 24.65
N SER B 59 -4.82 -2.13 25.32
CA SER B 59 -5.46 -0.95 25.90
C SER B 59 -4.50 -0.27 26.89
N ALA B 60 -3.92 -1.07 27.80
CA ALA B 60 -2.99 -0.54 28.80
C ALA B 60 -1.83 0.20 28.13
N VAL B 61 -1.28 -0.40 27.08
CA VAL B 61 -0.15 0.19 26.35
C VAL B 61 -0.53 1.53 25.71
N LEU B 62 -1.62 1.55 24.95
CA LEU B 62 -2.08 2.77 24.30
C LEU B 62 -2.30 3.87 25.35
N GLU B 63 -2.99 3.52 26.43
CA GLU B 63 -3.27 4.47 27.50
C GLU B 63 -1.98 5.05 28.07
N GLN B 64 -1.03 4.18 28.39
CA GLN B 64 0.26 4.61 28.93
C GLN B 64 0.94 5.55 27.93
N GLY B 65 0.84 5.21 26.65
CA GLY B 65 1.45 6.02 25.62
C GLY B 65 0.84 7.40 25.48
N ALA B 66 -0.48 7.48 25.60
CA ALA B 66 -1.17 8.76 25.49
C ALA B 66 -0.76 9.66 26.64
N ILE B 67 -0.79 9.11 27.85
CA ILE B 67 -0.41 9.86 29.04
C ILE B 67 1.00 10.39 28.91
N ALA B 68 1.90 9.57 28.37
CA ALA B 68 3.28 9.97 28.20
C ALA B 68 3.42 11.07 27.16
N ALA B 69 2.55 11.06 26.16
CA ALA B 69 2.61 12.08 25.11
C ALA B 69 1.96 13.38 25.57
N GLY B 70 1.42 13.38 26.79
CA GLY B 70 0.80 14.58 27.32
C GLY B 70 -0.59 14.91 26.79
N SER B 71 -1.24 13.93 26.17
CA SER B 71 -2.59 14.12 25.62
C SER B 71 -3.56 14.47 26.74
N ASP B 72 -4.64 15.14 26.39
CA ASP B 72 -5.63 15.54 27.38
C ASP B 72 -6.49 14.35 27.81
N ASP B 73 -7.39 14.62 28.76
CA ASP B 73 -8.31 13.63 29.31
C ASP B 73 -9.05 12.79 28.28
N LYS B 74 -9.80 13.48 27.43
CA LYS B 74 -10.59 12.82 26.39
C LYS B 74 -9.75 11.97 25.44
N ALA B 75 -8.58 12.47 25.05
CA ALA B 75 -7.73 11.71 24.14
C ALA B 75 -7.23 10.44 24.83
N ILE B 76 -6.79 10.58 26.08
CA ILE B 76 -6.30 9.42 26.83
C ILE B 76 -7.42 8.39 26.95
N ASP B 77 -8.65 8.89 27.07
CA ASP B 77 -9.81 8.02 27.17
C ASP B 77 -10.01 7.24 25.88
N LYS B 78 -10.16 7.95 24.77
CA LYS B 78 -10.37 7.28 23.48
C LYS B 78 -9.22 6.30 23.24
N ALA B 79 -8.05 6.60 23.77
CA ALA B 79 -6.89 5.73 23.60
C ALA B 79 -7.10 4.41 24.35
N ARG B 80 -7.56 4.51 25.59
CA ARG B 80 -7.78 3.33 26.42
C ARG B 80 -8.90 2.42 25.91
N ASN B 81 -9.96 3.01 25.36
CA ASN B 81 -11.09 2.24 24.86
C ASN B 81 -10.94 1.79 23.40
N ALA B 82 -9.98 2.37 22.69
CA ALA B 82 -9.75 2.05 21.28
C ALA B 82 -9.77 0.57 20.89
N PRO B 83 -9.00 -0.29 21.58
CA PRO B 83 -8.95 -1.71 21.27
C PRO B 83 -10.28 -2.45 21.28
N PHE B 84 -11.24 -1.94 22.05
CA PHE B 84 -12.54 -2.59 22.15
C PHE B 84 -13.52 -2.21 21.05
N ARG B 85 -13.05 -1.48 20.05
CA ARG B 85 -13.87 -1.06 18.91
C ARG B 85 -14.02 -2.17 17.87
N ALA B 86 -13.33 -3.28 18.07
CA ALA B 86 -13.41 -4.41 17.17
C ALA B 86 -13.03 -5.67 17.92
N PRO B 87 -13.50 -6.83 17.44
CA PRO B 87 -13.16 -8.08 18.13
C PRO B 87 -11.72 -8.50 17.82
N LEU B 88 -11.23 -8.10 16.65
CA LEU B 88 -9.87 -8.46 16.25
C LEU B 88 -9.09 -7.27 15.71
N ILE B 89 -7.82 -7.23 16.05
CA ILE B 89 -6.94 -6.17 15.59
C ILE B 89 -5.62 -6.80 15.17
N ILE B 90 -5.10 -6.36 14.03
CA ILE B 90 -3.83 -6.87 13.55
C ILE B 90 -2.92 -5.66 13.41
N THR B 91 -1.86 -5.61 14.22
CA THR B 91 -0.91 -4.51 14.16
C THR B 91 0.19 -4.94 13.20
N VAL B 92 0.45 -4.12 12.18
CA VAL B 92 1.49 -4.45 11.19
C VAL B 92 2.74 -3.58 11.38
N VAL B 93 3.86 -4.24 11.63
CA VAL B 93 5.13 -3.55 11.83
C VAL B 93 6.06 -3.78 10.65
N ALA B 94 6.65 -2.69 10.15
CA ALA B 94 7.59 -2.77 9.06
C ALA B 94 8.94 -3.08 9.68
N LYS B 95 9.44 -4.29 9.42
CA LYS B 95 10.74 -4.70 9.95
C LYS B 95 11.75 -4.43 8.83
N CYS B 96 12.46 -3.31 8.95
CA CYS B 96 13.40 -2.89 7.93
C CYS B 96 14.87 -3.28 8.08
N GLU B 97 15.51 -3.55 6.95
CA GLU B 97 16.92 -3.92 6.93
C GLU B 97 17.60 -3.08 5.86
N GLU B 98 18.86 -2.73 6.10
CA GLU B 98 19.62 -1.91 5.16
C GLU B 98 19.87 -2.74 3.90
N ASN B 99 19.52 -2.20 2.74
CA ASN B 99 19.70 -2.95 1.50
C ASN B 99 20.43 -2.25 0.36
N HIS B 100 20.54 -0.92 0.42
CA HIS B 100 21.25 -0.15 -0.61
C HIS B 100 20.51 -0.15 -1.96
N LYS B 101 19.79 -1.23 -2.24
CA LYS B 101 19.05 -1.35 -3.48
C LYS B 101 17.57 -1.10 -3.18
N VAL B 102 17.22 -1.13 -1.90
CA VAL B 102 15.85 -0.91 -1.46
C VAL B 102 15.81 0.05 -0.29
N PRO B 103 15.59 1.35 -0.57
CA PRO B 103 15.54 2.33 0.52
C PRO B 103 14.46 1.98 1.54
N ARG B 104 14.63 2.50 2.76
CA ARG B 104 13.72 2.28 3.86
C ARG B 104 12.24 2.47 3.52
N TRP B 105 11.91 3.62 2.90
CA TRP B 105 10.52 3.88 2.57
C TRP B 105 9.85 2.81 1.71
N GLU B 106 10.63 2.14 0.87
CA GLU B 106 10.09 1.09 0.02
C GLU B 106 9.69 -0.15 0.82
N GLN B 107 10.40 -0.40 1.92
CA GLN B 107 10.09 -1.54 2.76
C GLN B 107 8.89 -1.18 3.61
N GLU B 108 8.80 0.09 3.99
CA GLU B 108 7.69 0.58 4.77
C GLU B 108 6.39 0.51 3.97
N MET B 109 6.47 0.77 2.67
CA MET B 109 5.27 0.76 1.86
C MET B 109 4.77 -0.67 1.61
N SER B 110 5.71 -1.61 1.57
CA SER B 110 5.38 -3.03 1.38
C SER B 110 4.56 -3.49 2.57
N ALA B 111 4.97 -3.07 3.77
CA ALA B 111 4.25 -3.41 4.99
C ALA B 111 2.88 -2.72 4.93
N GLY B 112 2.88 -1.47 4.49
CA GLY B 112 1.64 -0.73 4.38
C GLY B 112 0.69 -1.43 3.45
N CYS B 113 1.21 -1.96 2.35
CA CYS B 113 0.38 -2.67 1.38
C CYS B 113 -0.20 -3.95 2.01
N ALA B 114 0.57 -4.61 2.87
CA ALA B 114 0.08 -5.82 3.53
C ALA B 114 -1.21 -5.48 4.30
N VAL B 115 -1.24 -4.30 4.91
CA VAL B 115 -2.43 -3.87 5.64
C VAL B 115 -3.63 -3.78 4.70
N MET B 116 -3.46 -3.10 3.57
CA MET B 116 -4.56 -2.97 2.63
C MET B 116 -5.04 -4.34 2.15
N ALA B 117 -4.09 -5.20 1.78
CA ALA B 117 -4.43 -6.54 1.31
C ALA B 117 -5.21 -7.30 2.37
N MET B 118 -4.80 -7.14 3.63
CA MET B 118 -5.49 -7.82 4.73
C MET B 118 -6.88 -7.24 4.94
N GLN B 119 -7.03 -5.93 4.73
CA GLN B 119 -8.34 -5.29 4.90
C GLN B 119 -9.27 -5.79 3.81
N MET B 120 -8.73 -5.94 2.60
CA MET B 120 -9.51 -6.40 1.45
C MET B 120 -9.88 -7.88 1.60
N ALA B 121 -8.95 -8.68 2.09
CA ALA B 121 -9.20 -10.11 2.27
C ALA B 121 -10.36 -10.29 3.25
N ALA B 122 -10.45 -9.41 4.23
CA ALA B 122 -11.53 -9.46 5.21
C ALA B 122 -12.84 -9.18 4.49
N VAL B 123 -12.86 -8.11 3.69
CA VAL B 123 -14.07 -7.75 2.94
C VAL B 123 -14.46 -8.84 1.95
N ALA B 124 -13.47 -9.45 1.29
CA ALA B 124 -13.72 -10.51 0.31
C ALA B 124 -14.40 -11.70 0.96
N GLN B 125 -14.31 -11.78 2.29
CA GLN B 125 -14.92 -12.89 3.02
C GLN B 125 -16.18 -12.48 3.80
N GLY B 126 -16.73 -11.32 3.48
CA GLY B 126 -17.93 -10.88 4.16
C GLY B 126 -17.70 -10.19 5.50
N PHE B 127 -16.46 -9.89 5.84
CA PHE B 127 -16.17 -9.21 7.09
C PHE B 127 -15.89 -7.74 6.79
N GLY B 128 -15.57 -6.96 7.81
CA GLY B 128 -15.28 -5.56 7.60
C GLY B 128 -13.98 -5.19 8.29
N GLY B 129 -13.38 -4.07 7.87
CA GLY B 129 -12.14 -3.65 8.49
C GLY B 129 -11.77 -2.20 8.22
N ILE B 130 -10.97 -1.62 9.11
CA ILE B 130 -10.55 -0.24 8.93
C ILE B 130 -9.10 -0.06 9.39
N TRP B 131 -8.30 0.53 8.51
CA TRP B 131 -6.89 0.81 8.76
C TRP B 131 -6.79 2.06 9.63
N ARG B 132 -6.30 1.91 10.85
CA ARG B 132 -6.14 3.05 11.75
C ARG B 132 -4.67 3.26 12.09
N SER B 133 -4.36 4.46 12.59
CA SER B 133 -2.99 4.78 12.95
C SER B 133 -2.95 5.73 14.15
N GLY B 134 -2.91 7.03 13.87
CA GLY B 134 -2.85 8.01 14.95
C GLY B 134 -1.44 8.26 15.43
N ALA B 135 -1.30 9.27 16.28
CA ALA B 135 0.00 9.67 16.83
C ALA B 135 0.70 8.59 17.65
N LEU B 136 -0.07 7.64 18.19
CA LEU B 136 0.49 6.58 19.02
C LEU B 136 1.31 5.53 18.27
N THR B 137 1.30 5.59 16.94
CA THR B 137 2.11 4.66 16.17
C THR B 137 3.58 5.01 16.42
N GLU B 138 3.80 6.23 16.88
CA GLU B 138 5.14 6.75 17.17
C GLU B 138 5.51 6.66 18.66
N SER B 139 4.54 6.33 19.49
CA SER B 139 4.78 6.23 20.93
C SER B 139 5.83 5.20 21.33
N PRO B 140 6.84 5.61 22.11
CA PRO B 140 7.91 4.72 22.55
C PRO B 140 7.43 3.43 23.22
N VAL B 141 6.48 3.55 24.14
CA VAL B 141 5.98 2.37 24.85
C VAL B 141 5.19 1.44 23.93
N VAL B 142 4.43 2.01 22.99
CA VAL B 142 3.65 1.21 22.05
C VAL B 142 4.64 0.51 21.10
N ARG B 143 5.62 1.27 20.59
CA ARG B 143 6.62 0.70 19.71
C ARG B 143 7.35 -0.42 20.46
N GLU B 144 7.72 -0.15 21.70
CA GLU B 144 8.41 -1.14 22.51
C GLU B 144 7.57 -2.41 22.66
N ALA B 145 6.25 -2.24 22.78
CA ALA B 145 5.33 -3.37 22.95
C ALA B 145 5.28 -4.27 21.72
N PHE B 146 5.57 -3.70 20.55
CA PHE B 146 5.52 -4.47 19.31
C PHE B 146 6.93 -4.76 18.76
N GLY B 147 7.88 -4.83 19.67
CA GLY B 147 9.26 -5.14 19.32
C GLY B 147 9.93 -4.27 18.27
N CYS B 148 9.51 -3.02 18.17
CA CYS B 148 10.11 -2.13 17.18
C CYS B 148 11.55 -1.78 17.52
N ARG B 149 12.42 -1.90 16.52
CA ARG B 149 13.82 -1.54 16.67
C ARG B 149 13.86 -0.11 16.15
N GLU B 150 15.01 0.53 16.20
CA GLU B 150 15.12 1.90 15.74
C GLU B 150 14.65 2.09 14.29
N GLN B 151 14.95 1.13 13.41
CA GLN B 151 14.55 1.25 12.01
C GLN B 151 13.18 0.65 11.68
N ASP B 152 12.50 0.07 12.66
CA ASP B 152 11.18 -0.51 12.41
C ASP B 152 10.10 0.56 12.59
N LYS B 153 8.93 0.33 12.01
CA LYS B 153 7.86 1.30 12.07
C LYS B 153 6.46 0.67 12.09
N ILE B 154 5.61 1.13 13.00
CA ILE B 154 4.24 0.62 13.06
C ILE B 154 3.48 1.36 11.96
N VAL B 155 3.07 0.62 10.93
CA VAL B 155 2.36 1.24 9.82
C VAL B 155 0.85 1.30 9.95
N GLY B 156 0.30 0.54 10.91
CA GLY B 156 -1.14 0.57 11.10
C GLY B 156 -1.74 -0.44 12.07
N PHE B 157 -2.90 -0.07 12.64
CA PHE B 157 -3.64 -0.93 13.55
C PHE B 157 -4.91 -1.28 12.78
N LEU B 158 -4.97 -2.49 12.22
CA LEU B 158 -6.11 -2.92 11.44
C LEU B 158 -7.24 -3.55 12.24
N TYR B 159 -8.34 -2.82 12.36
CA TYR B 159 -9.51 -3.29 13.10
C TYR B 159 -10.36 -4.18 12.20
N LEU B 160 -10.62 -5.40 12.65
CA LEU B 160 -11.40 -6.34 11.85
C LEU B 160 -12.55 -6.98 12.64
N GLY B 161 -13.54 -7.46 11.90
CA GLY B 161 -14.69 -8.09 12.54
C GLY B 161 -15.90 -8.10 11.62
N THR B 162 -17.08 -8.28 12.21
CA THR B 162 -18.31 -8.31 11.42
C THR B 162 -18.93 -6.90 11.37
N PRO B 163 -19.06 -6.35 10.17
CA PRO B 163 -19.63 -5.02 9.95
C PRO B 163 -21.13 -4.92 10.22
N GLN B 164 -21.62 -3.68 10.30
CA GLN B 164 -23.03 -3.43 10.54
C GLN B 164 -23.64 -2.66 9.36
N LEU B 165 -24.80 -2.05 9.57
CA LEU B 165 -25.47 -1.30 8.52
C LEU B 165 -25.82 -2.18 7.33
N LYS B 166 -26.76 -1.74 6.50
CA LYS B 166 -27.17 -2.50 5.34
C LYS B 166 -26.10 -2.44 4.25
N VAL B 173 -19.37 4.49 -8.70
CA VAL B 173 -18.19 4.43 -9.55
C VAL B 173 -17.47 5.75 -9.41
N PRO B 174 -16.17 5.72 -9.12
CA PRO B 174 -15.41 6.96 -8.96
C PRO B 174 -14.97 7.54 -10.31
N ASP B 175 -14.67 8.84 -10.32
CA ASP B 175 -14.23 9.54 -11.53
C ASP B 175 -12.79 10.01 -11.40
N PRO B 176 -11.86 9.31 -12.06
CA PRO B 176 -10.43 9.66 -12.01
C PRO B 176 -9.95 10.76 -12.95
N THR B 177 -10.86 11.31 -13.75
CA THR B 177 -10.47 12.33 -14.71
C THR B 177 -9.57 13.44 -14.16
N PRO B 178 -9.99 14.11 -13.07
CA PRO B 178 -9.13 15.18 -12.54
C PRO B 178 -7.79 14.70 -11.99
N PHE B 179 -7.61 13.39 -11.85
CA PHE B 179 -6.38 12.81 -11.32
C PHE B 179 -5.50 12.13 -12.36
N VAL B 180 -5.86 12.21 -13.63
CA VAL B 180 -5.08 11.53 -14.66
C VAL B 180 -4.48 12.43 -15.70
N THR B 181 -3.17 12.33 -15.85
CA THR B 181 -2.45 13.11 -16.86
C THR B 181 -1.93 12.15 -17.93
N TYR B 182 -2.12 12.51 -19.19
CA TYR B 182 -1.66 11.69 -20.30
C TYR B 182 -0.31 12.21 -20.76
N PHE B 183 0.73 11.46 -20.39
CA PHE B 183 2.11 11.79 -20.70
C PHE B 183 2.36 11.92 -22.20
N1 FMN C . 10.88 -4.89 -8.18
C2 FMN C . 11.84 -4.72 -9.16
O2 FMN C . 12.28 -5.67 -9.84
N3 FMN C . 12.36 -3.44 -9.41
C4 FMN C . 11.93 -2.29 -8.70
O4 FMN C . 12.45 -1.16 -9.01
C4A FMN C . 10.94 -2.45 -7.66
N5 FMN C . 10.49 -1.40 -6.95
C5A FMN C . 9.53 -1.57 -5.95
C6 FMN C . 9.07 -0.43 -5.16
C7 FMN C . 8.09 -0.54 -4.13
C7M FMN C . 7.68 0.66 -3.38
C8 FMN C . 7.53 -1.88 -3.86
C8M FMN C . 6.48 -2.13 -2.77
C9 FMN C . 7.97 -3.00 -4.60
C9A FMN C . 8.98 -2.88 -5.67
N10 FMN C . 9.46 -4.00 -6.46
C10 FMN C . 10.45 -3.82 -7.47
C1' FMN C . 8.91 -5.36 -6.18
C2' FMN C . 8.01 -5.95 -7.28
O2' FMN C . 6.88 -5.07 -7.50
C3' FMN C . 7.45 -7.32 -6.91
O3' FMN C . 6.68 -7.21 -5.67
C4' FMN C . 8.60 -8.40 -6.70
O4' FMN C . 9.31 -8.48 -7.98
C5' FMN C . 8.14 -9.80 -6.31
O5' FMN C . 7.17 -10.33 -7.19
P FMN C . 5.60 -10.59 -6.60
O1P FMN C . 4.97 -9.24 -6.46
O2P FMN C . 5.00 -11.45 -7.68
O3P FMN C . 5.72 -11.32 -5.25
N1 FMN D . -8.88 6.46 9.25
C2 FMN D . -9.28 6.73 10.55
O2 FMN D . -10.48 6.96 10.83
N3 FMN D . -8.35 6.76 11.59
C4 FMN D . -6.95 6.50 11.35
O4 FMN D . -6.16 6.55 12.37
C4A FMN D . -6.52 6.23 9.99
N5 FMN D . -5.22 5.98 9.70
C5A FMN D . -4.82 5.73 8.39
C6 FMN D . -3.42 5.47 8.08
C7 FMN D . -2.94 5.21 6.76
C7M FMN D . -1.49 5.01 6.54
C8 FMN D . -3.92 5.17 5.67
C8M FMN D . -3.53 4.86 4.23
C9 FMN D . -5.29 5.41 5.94
C9A FMN D . -5.79 5.70 7.30
N10 FMN D . -7.17 5.96 7.63
C10 FMN D . -7.58 6.22 8.97
C1' FMN D . -8.19 5.95 6.55
C2' FMN D . -9.15 4.75 6.55
O2' FMN D . -8.42 3.51 6.40
C3' FMN D . -10.17 4.82 5.39
O3' FMN D . -9.45 4.77 4.12
C4' FMN D . -11.06 6.15 5.44
O4' FMN D . -11.76 6.13 6.72
C5' FMN D . -12.07 6.30 4.33
O5' FMN D . -12.91 5.16 4.22
P FMN D . -12.91 4.30 2.74
O1P FMN D . -12.92 5.33 1.64
O2P FMN D . -11.63 3.50 2.85
O3P FMN D . -14.18 3.44 2.73
#